data_7HHD
#
_entry.id   7HHD
#
_cell.length_a   41.730
_cell.length_b   42.290
_cell.length_c   159.860
_cell.angle_alpha   90.00
_cell.angle_beta   90.00
_cell.angle_gamma   90.00
#
_symmetry.space_group_name_H-M   'P 21 21 21'
#
loop_
_entity.id
_entity.type
_entity.pdbx_description
1 polymer 'Hepatoma-derived growth factor-related protein 2'
2 non-polymer 'SULFATE ION'
3 non-polymer 1,2-ETHANEDIOL
4 non-polymer (2R)-1-(cyclohexylamino)propan-2-ol
5 water water
#
_entity_poly.entity_id   1
_entity_poly.type   'polypeptide(L)'
_entity_poly.pdbx_seq_one_letter_code
;GMPHAFKPGDLVFAKMKGYPHWPARIDDIADGAVKPPPNKYPIFFFGTHETAFLGPKDLFPYDKSKDKYGKPNKRKGFNE
GLWEIQNNPHASYS
;
_entity_poly.pdbx_strand_id   A,B,C
#
loop_
_chem_comp.id
_chem_comp.type
_chem_comp.name
_chem_comp.formula
A1A3V non-polymer (2R)-1-(cyclohexylamino)propan-2-ol 'C9 H19 N O'
EDO non-polymer 1,2-ETHANEDIOL 'C2 H6 O2'
SO4 non-polymer 'SULFATE ION' 'O4 S -2'
#
# COMPACT_ATOMS: atom_id res chain seq x y z
N MET A 2 -12.91 24.21 6.95
CA MET A 2 -13.28 24.00 5.53
C MET A 2 -12.31 23.00 4.87
N PRO A 3 -12.79 22.23 3.89
CA PRO A 3 -11.96 21.31 3.11
C PRO A 3 -10.77 21.95 2.39
N HIS A 4 -9.70 21.18 2.27
CA HIS A 4 -8.56 21.56 1.45
C HIS A 4 -8.67 20.75 0.18
N ALA A 5 -7.75 20.95 -0.76
CA ALA A 5 -7.60 20.01 -1.85
C ALA A 5 -7.13 18.66 -1.31
N PHE A 6 -7.37 17.63 -2.12
CA PHE A 6 -6.84 16.29 -1.85
C PHE A 6 -5.31 16.34 -1.74
N LYS A 7 -4.79 15.53 -0.80
CA LYS A 7 -3.34 15.41 -0.64
C LYS A 7 -3.01 13.94 -0.40
N PRO A 8 -1.75 13.53 -0.64
CA PRO A 8 -1.35 12.15 -0.33
C PRO A 8 -1.67 11.79 1.11
N GLY A 9 -2.19 10.57 1.29
CA GLY A 9 -2.57 10.06 2.59
C GLY A 9 -4.06 10.21 2.90
N ASP A 10 -4.74 11.09 2.12
CA ASP A 10 -6.16 11.17 2.38
C ASP A 10 -6.90 9.86 2.04
N LEU A 11 -7.90 9.52 2.85
CA LEU A 11 -8.66 8.27 2.73
C LEU A 11 -10.00 8.62 2.09
N VAL A 12 -10.40 7.76 1.14
CA VAL A 12 -11.61 8.04 0.35
C VAL A 12 -12.34 6.74 0.04
N PHE A 13 -13.57 6.87 -0.50
CA PHE A 13 -14.08 5.86 -1.39
C PHE A 13 -13.97 6.41 -2.80
N ALA A 14 -13.44 5.60 -3.74
CA ALA A 14 -13.17 6.07 -5.09
C ALA A 14 -14.11 5.32 -6.02
N LYS A 15 -14.73 6.05 -6.98
CA LYS A 15 -15.68 5.42 -7.89
C LYS A 15 -15.05 5.23 -9.27
N MET A 16 -15.17 4.00 -9.79
CA MET A 16 -14.83 3.61 -11.14
C MET A 16 -16.10 3.05 -11.78
N LYS A 17 -16.19 3.15 -13.11
CA LYS A 17 -17.35 2.63 -13.82
C LYS A 17 -17.46 1.14 -13.58
N GLY A 18 -18.69 0.69 -13.26
CA GLY A 18 -18.97 -0.73 -13.13
C GLY A 18 -18.57 -1.31 -11.77
N TYR A 19 -18.02 -0.47 -10.89
CA TYR A 19 -17.61 -0.96 -9.59
C TYR A 19 -18.31 -0.17 -8.49
N PRO A 20 -18.54 -0.77 -7.30
CA PRO A 20 -19.08 -0.03 -6.16
C PRO A 20 -18.02 0.98 -5.69
N HIS A 21 -18.45 2.06 -5.05
CA HIS A 21 -17.56 3.02 -4.38
C HIS A 21 -16.58 2.23 -3.50
N TRP A 22 -15.27 2.41 -3.74
CA TRP A 22 -14.28 1.42 -3.27
C TRP A 22 -13.35 2.08 -2.24
N PRO A 23 -13.03 1.42 -1.10
CA PRO A 23 -12.05 2.00 -0.16
C PRO A 23 -10.66 2.21 -0.79
N ALA A 24 -10.10 3.41 -0.62
CA ALA A 24 -8.88 3.75 -1.32
C ALA A 24 -8.16 4.91 -0.61
N ARG A 25 -6.94 5.19 -1.04
CA ARG A 25 -6.22 6.36 -0.54
C ARG A 25 -5.60 7.15 -1.69
N ILE A 26 -5.35 8.44 -1.45
CA ILE A 26 -4.51 9.20 -2.36
C ILE A 26 -3.06 8.80 -2.11
N ASP A 27 -2.39 8.29 -3.14
CA ASP A 27 -0.98 7.88 -2.98
C ASP A 27 -0.03 9.04 -3.24
N ASP A 28 1.23 8.86 -2.78
CA ASP A 28 2.35 9.68 -3.21
C ASP A 28 2.79 9.19 -4.60
N ILE A 29 3.54 10.02 -5.32
CA ILE A 29 4.23 9.56 -6.51
C ILE A 29 5.70 9.45 -6.09
N ALA A 30 6.28 8.25 -6.25
CA ALA A 30 7.66 8.00 -5.86
C ALA A 30 8.58 8.77 -6.81
N ASP A 31 9.77 9.17 -6.36
CA ASP A 31 10.76 9.66 -7.32
C ASP A 31 10.91 8.63 -8.44
N GLY A 32 10.95 9.10 -9.70
CA GLY A 32 11.20 8.28 -10.86
C GLY A 32 9.98 7.53 -11.39
N ALA A 33 8.85 7.63 -10.68
CA ALA A 33 7.64 6.94 -11.09
C ALA A 33 6.83 7.78 -12.07
N VAL A 34 5.98 7.08 -12.86
CA VAL A 34 5.09 7.71 -13.83
C VAL A 34 4.09 8.61 -13.10
N LYS A 35 4.00 9.87 -13.56
CA LYS A 35 3.10 10.89 -13.00
C LYS A 35 1.69 10.68 -13.55
N PRO A 36 0.64 11.12 -12.81
CA PRO A 36 -0.73 11.03 -13.30
C PRO A 36 -0.92 12.08 -14.39
N PRO A 37 -1.99 11.98 -15.19
CA PRO A 37 -2.40 13.10 -16.05
C PRO A 37 -2.69 14.36 -15.24
N PRO A 38 -2.65 15.59 -15.83
CA PRO A 38 -3.11 16.79 -15.11
C PRO A 38 -4.49 16.64 -14.49
N ASN A 39 -4.66 17.23 -13.32
CA ASN A 39 -5.90 17.28 -12.58
C ASN A 39 -6.33 15.89 -12.15
N LYS A 40 -5.46 14.87 -12.27
CA LYS A 40 -5.80 13.54 -11.75
C LYS A 40 -4.83 13.21 -10.58
N TYR A 41 -5.29 12.30 -9.72
CA TYR A 41 -4.58 11.85 -8.52
C TYR A 41 -4.29 10.36 -8.68
N PRO A 42 -3.16 9.85 -8.13
CA PRO A 42 -2.94 8.41 -8.11
C PRO A 42 -3.73 7.82 -6.95
N ILE A 43 -4.68 6.93 -7.28
CA ILE A 43 -5.55 6.31 -6.29
C ILE A 43 -5.11 4.87 -6.06
N PHE A 44 -4.79 4.53 -4.78
CA PHE A 44 -4.48 3.16 -4.43
C PHE A 44 -5.73 2.53 -3.83
N PHE A 45 -6.16 1.44 -4.45
CA PHE A 45 -7.37 0.76 -4.00
C PHE A 45 -7.04 -0.32 -3.01
N PHE A 46 -7.58 -0.17 -1.79
CA PHE A 46 -7.36 -1.22 -0.80
C PHE A 46 -7.94 -2.55 -1.27
N GLY A 47 -7.36 -3.64 -0.76
CA GLY A 47 -7.86 -5.00 -1.02
C GLY A 47 -7.28 -5.50 -2.36
N THR A 48 -7.63 -4.83 -3.47
CA THR A 48 -7.10 -5.21 -4.77
C THR A 48 -5.64 -4.78 -4.91
N HIS A 49 -5.26 -3.69 -4.22
CA HIS A 49 -3.92 -3.11 -4.32
C HIS A 49 -3.62 -2.62 -5.72
N GLU A 50 -4.69 -2.26 -6.45
CA GLU A 50 -4.49 -1.70 -7.79
C GLU A 50 -4.42 -0.18 -7.73
N THR A 51 -3.88 0.41 -8.80
CA THR A 51 -3.82 1.86 -8.86
C THR A 51 -4.55 2.32 -10.13
N ALA A 52 -5.30 3.42 -10.01
CA ALA A 52 -5.88 4.12 -11.15
C ALA A 52 -5.76 5.63 -10.92
N PHE A 53 -5.91 6.41 -12.01
CA PHE A 53 -5.83 7.85 -11.92
C PHE A 53 -7.24 8.42 -12.00
N LEU A 54 -7.59 9.23 -10.99
CA LEU A 54 -8.98 9.70 -10.91
C LEU A 54 -8.99 11.16 -10.51
N GLY A 55 -10.04 11.87 -10.96
CA GLY A 55 -10.16 13.24 -10.48
C GLY A 55 -11.19 13.31 -9.34
N PRO A 56 -11.31 14.51 -8.72
CA PRO A 56 -12.12 14.70 -7.51
C PRO A 56 -13.58 14.33 -7.61
N LYS A 57 -14.12 14.38 -8.85
CA LYS A 57 -15.53 14.01 -9.00
C LYS A 57 -15.82 12.56 -8.58
N ASP A 58 -14.76 11.70 -8.55
CA ASP A 58 -14.93 10.30 -8.26
C ASP A 58 -14.34 9.98 -6.88
N LEU A 59 -14.04 11.03 -6.11
CA LEU A 59 -13.39 10.81 -4.78
C LEU A 59 -14.30 11.33 -3.66
N PHE A 60 -14.68 10.42 -2.78
CA PHE A 60 -15.58 10.75 -1.66
C PHE A 60 -14.83 10.61 -0.34
N PRO A 61 -14.63 11.68 0.44
CA PRO A 61 -13.87 11.53 1.69
C PRO A 61 -14.44 10.42 2.58
N TYR A 62 -13.53 9.60 3.18
CA TYR A 62 -13.96 8.37 3.82
C TYR A 62 -14.80 8.59 5.09
N ASP A 63 -14.44 9.61 5.87
CA ASP A 63 -15.10 9.86 7.15
C ASP A 63 -16.58 10.11 6.89
N LYS A 64 -16.86 11.06 5.99
CA LYS A 64 -18.23 11.44 5.62
C LYS A 64 -19.04 10.29 5.00
N SER A 65 -18.39 9.38 4.25
CA SER A 65 -19.02 8.47 3.32
C SER A 65 -19.13 7.00 3.81
N LYS A 66 -18.45 6.67 4.91
CA LYS A 66 -18.29 5.27 5.29
C LYS A 66 -19.61 4.64 5.71
N ASP A 67 -20.52 5.45 6.26
N ASP A 67 -20.52 5.42 6.30
CA ASP A 67 -21.83 4.98 6.70
CA ASP A 67 -21.83 4.88 6.67
C ASP A 67 -22.65 4.47 5.50
C ASP A 67 -22.49 4.32 5.41
N LYS A 68 -22.47 5.10 4.33
CA LYS A 68 -23.14 4.72 3.12
C LYS A 68 -22.38 3.62 2.38
N TYR A 69 -21.04 3.71 2.32
CA TYR A 69 -20.29 2.93 1.34
C TYR A 69 -19.47 1.82 1.99
N GLY A 70 -19.31 1.88 3.32
CA GLY A 70 -18.43 0.95 4.02
C GLY A 70 -19.16 -0.27 4.55
N LYS A 71 -19.86 -0.97 3.67
CA LYS A 71 -20.52 -2.24 3.97
C LYS A 71 -19.92 -3.34 3.10
N PRO A 72 -19.85 -4.62 3.59
CA PRO A 72 -19.32 -5.69 2.77
C PRO A 72 -19.97 -5.82 1.40
N ASN A 73 -19.18 -6.31 0.44
CA ASN A 73 -19.56 -6.43 -0.96
C ASN A 73 -18.94 -7.74 -1.45
N LYS A 74 -19.59 -8.38 -2.42
CA LYS A 74 -19.15 -9.68 -2.88
C LYS A 74 -17.96 -9.56 -3.84
N ARG A 75 -17.65 -8.33 -4.26
CA ARG A 75 -16.62 -8.14 -5.26
C ARG A 75 -15.26 -8.47 -4.68
N LYS A 76 -14.42 -9.07 -5.53
CA LYS A 76 -13.09 -9.55 -5.18
C LYS A 76 -12.26 -8.42 -4.58
N GLY A 77 -11.76 -8.65 -3.37
CA GLY A 77 -10.86 -7.72 -2.70
C GLY A 77 -11.58 -6.69 -1.82
N PHE A 78 -12.91 -6.53 -1.97
CA PHE A 78 -13.63 -5.45 -1.32
C PHE A 78 -13.53 -5.54 0.22
N ASN A 79 -13.79 -6.73 0.77
CA ASN A 79 -13.88 -6.88 2.22
C ASN A 79 -12.47 -6.78 2.84
N GLU A 80 -11.45 -7.27 2.13
CA GLU A 80 -10.08 -7.09 2.57
C GLU A 80 -9.78 -5.59 2.56
N GLY A 81 -10.23 -4.92 1.50
CA GLY A 81 -10.02 -3.47 1.44
C GLY A 81 -10.69 -2.71 2.59
N LEU A 82 -11.91 -3.13 3.05
CA LEU A 82 -12.53 -2.48 4.19
C LEU A 82 -11.65 -2.61 5.43
N TRP A 83 -11.00 -3.78 5.57
CA TRP A 83 -10.21 -4.01 6.77
C TRP A 83 -9.00 -3.08 6.70
N GLU A 84 -8.40 -2.95 5.51
CA GLU A 84 -7.17 -2.19 5.36
C GLU A 84 -7.43 -0.71 5.69
N ILE A 85 -8.54 -0.17 5.16
CA ILE A 85 -8.74 1.28 5.31
C ILE A 85 -9.07 1.62 6.78
N GLN A 86 -9.67 0.65 7.50
CA GLN A 86 -10.01 0.88 8.92
C GLN A 86 -8.82 0.63 9.86
N ASN A 87 -7.99 -0.34 9.50
CA ASN A 87 -7.04 -0.89 10.46
C ASN A 87 -5.58 -0.50 10.18
N ASN A 88 -5.17 -0.36 8.93
CA ASN A 88 -3.82 0.06 8.62
C ASN A 88 -3.79 0.79 7.28
N PRO A 89 -4.45 1.97 7.18
CA PRO A 89 -4.62 2.60 5.87
C PRO A 89 -3.35 3.23 5.31
N HIS A 90 -2.31 3.37 6.16
CA HIS A 90 -1.09 4.05 5.72
C HIS A 90 0.11 3.10 5.56
N ALA A 91 -0.18 1.80 5.60
CA ALA A 91 0.91 0.81 5.50
C ALA A 91 1.38 0.61 4.07
N SER A 92 2.55 -0.02 3.94
CA SER A 92 3.03 -0.46 2.65
C SER A 92 2.34 -1.77 2.27
N TYR A 93 1.73 -1.78 1.08
CA TYR A 93 1.03 -2.94 0.58
C TYR A 93 1.73 -3.43 -0.69
N SER A 94 3.02 -3.09 -0.82
CA SER A 94 3.84 -3.48 -1.95
C SER A 94 4.64 -4.77 -1.64
N MET B 2 43.78 7.93 -7.11
CA MET B 2 44.27 7.50 -8.44
C MET B 2 43.18 7.81 -9.47
N PRO B 3 43.46 8.59 -10.54
CA PRO B 3 42.45 8.94 -11.53
C PRO B 3 41.85 7.66 -12.13
N HIS B 4 40.55 7.69 -12.41
CA HIS B 4 39.83 6.55 -12.97
C HIS B 4 39.25 6.98 -14.32
N ALA B 5 38.66 6.02 -15.04
CA ALA B 5 37.99 6.31 -16.30
C ALA B 5 37.00 7.46 -16.14
N PHE B 6 36.25 7.42 -15.04
CA PHE B 6 35.36 8.51 -14.68
C PHE B 6 35.94 9.25 -13.48
N LYS B 7 35.87 10.59 -13.55
CA LYS B 7 36.35 11.43 -12.46
C LYS B 7 35.16 12.17 -11.84
N PRO B 8 35.25 12.54 -10.55
CA PRO B 8 34.28 13.46 -9.93
C PRO B 8 33.99 14.67 -10.80
N GLY B 9 32.68 14.91 -11.02
CA GLY B 9 32.16 16.04 -11.77
C GLY B 9 31.79 15.67 -13.21
N ASP B 10 32.21 14.49 -13.65
CA ASP B 10 31.82 14.03 -14.98
C ASP B 10 30.30 13.85 -15.00
N LEU B 11 29.71 14.24 -16.11
CA LEU B 11 28.26 14.21 -16.29
C LEU B 11 27.93 12.97 -17.10
N VAL B 12 26.80 12.31 -16.77
CA VAL B 12 26.45 11.05 -17.45
C VAL B 12 24.93 10.94 -17.51
N PHE B 13 24.46 9.93 -18.28
CA PHE B 13 23.18 9.31 -17.95
C PHE B 13 23.48 7.99 -17.25
N ALA B 14 22.77 7.73 -16.14
CA ALA B 14 22.98 6.53 -15.36
C ALA B 14 21.75 5.63 -15.45
N LYS B 15 21.99 4.33 -15.61
CA LYS B 15 20.90 3.38 -15.82
C LYS B 15 20.67 2.57 -14.56
N MET B 16 19.41 2.61 -14.10
CA MET B 16 18.90 1.85 -12.97
C MET B 16 17.75 0.95 -13.44
N LYS B 17 17.69 -0.27 -12.92
CA LYS B 17 16.62 -1.18 -13.34
C LYS B 17 15.27 -0.54 -13.00
N GLY B 18 14.38 -0.53 -13.99
CA GLY B 18 13.04 0.02 -13.81
C GLY B 18 12.92 1.48 -14.24
N TYR B 19 14.06 2.13 -14.59
CA TYR B 19 14.02 3.57 -14.86
C TYR B 19 14.73 3.86 -16.19
N PRO B 20 14.37 4.95 -16.89
CA PRO B 20 15.07 5.34 -18.12
C PRO B 20 16.45 5.86 -17.73
N HIS B 21 17.41 5.75 -18.66
CA HIS B 21 18.71 6.39 -18.48
C HIS B 21 18.51 7.80 -17.91
N TRP B 22 19.22 8.13 -16.82
CA TRP B 22 18.80 9.26 -15.97
C TRP B 22 19.92 10.29 -15.88
N PRO B 23 19.68 11.62 -16.03
CA PRO B 23 20.77 12.60 -15.98
C PRO B 23 21.41 12.53 -14.60
N ALA B 24 22.75 12.49 -14.55
CA ALA B 24 23.40 12.24 -13.28
C ALA B 24 24.86 12.72 -13.36
N ARG B 25 25.53 12.68 -12.20
CA ARG B 25 26.94 13.06 -12.16
C ARG B 25 27.71 12.06 -11.30
N ILE B 26 29.02 11.98 -11.53
CA ILE B 26 29.90 11.26 -10.64
C ILE B 26 30.20 12.21 -9.47
N ASP B 27 29.94 11.73 -8.25
CA ASP B 27 30.25 12.51 -7.05
C ASP B 27 31.65 12.20 -6.51
N ASP B 28 32.10 13.04 -5.57
N ASP B 28 32.13 13.05 -5.58
CA ASP B 28 33.33 12.82 -4.81
CA ASP B 28 33.36 12.80 -4.85
C ASP B 28 33.06 11.80 -3.70
C ASP B 28 33.01 12.07 -3.55
N ILE B 29 34.04 11.63 -2.81
CA ILE B 29 33.84 10.84 -1.61
C ILE B 29 34.10 11.73 -0.38
N LYS B 35 33.00 3.72 1.51
CA LYS B 35 33.46 3.97 0.12
C LYS B 35 32.59 3.16 -0.85
N PRO B 36 32.59 3.49 -2.17
CA PRO B 36 31.93 2.66 -3.16
C PRO B 36 32.37 1.19 -3.05
N PRO B 37 31.53 0.21 -3.46
CA PRO B 37 31.99 -1.16 -3.64
C PRO B 37 33.04 -1.16 -4.76
N PRO B 38 33.98 -2.13 -4.80
CA PRO B 38 34.93 -2.23 -5.92
C PRO B 38 34.27 -2.09 -7.30
N ASN B 39 34.94 -1.36 -8.21
CA ASN B 39 34.52 -1.24 -9.60
C ASN B 39 33.39 -0.22 -9.80
N LYS B 40 32.92 0.43 -8.73
CA LYS B 40 31.70 1.22 -8.80
C LYS B 40 31.99 2.65 -8.40
N TYR B 41 31.11 3.58 -8.81
CA TYR B 41 31.28 5.01 -8.59
C TYR B 41 30.09 5.55 -7.78
N PRO B 42 30.28 6.62 -6.97
CA PRO B 42 29.13 7.29 -6.38
C PRO B 42 28.43 8.17 -7.40
N ILE B 43 27.13 7.90 -7.59
CA ILE B 43 26.31 8.62 -8.56
C ILE B 43 25.32 9.53 -7.82
N PHE B 44 25.16 10.76 -8.30
CA PHE B 44 24.06 11.59 -7.85
C PHE B 44 23.11 11.76 -9.03
N PHE B 45 21.82 11.50 -8.80
CA PHE B 45 20.81 11.65 -9.83
C PHE B 45 20.18 13.02 -9.76
N PHE B 46 20.32 13.77 -10.87
CA PHE B 46 19.71 15.09 -10.92
C PHE B 46 18.17 14.93 -10.83
N GLY B 47 17.54 15.97 -10.29
CA GLY B 47 16.09 15.98 -10.24
C GLY B 47 15.60 15.36 -8.93
N THR B 48 15.94 14.08 -8.68
CA THR B 48 15.49 13.34 -7.52
C THR B 48 16.46 13.58 -6.36
N HIS B 49 17.69 13.95 -6.72
CA HIS B 49 18.76 14.23 -5.78
C HIS B 49 19.08 12.99 -4.95
N GLU B 50 18.81 11.80 -5.47
CA GLU B 50 19.18 10.58 -4.78
C GLU B 50 20.59 10.15 -5.21
N THR B 51 21.09 9.11 -4.53
CA THR B 51 22.43 8.59 -4.77
C THR B 51 22.40 7.08 -4.84
N ALA B 52 23.35 6.50 -5.60
CA ALA B 52 23.55 5.07 -5.64
C ALA B 52 24.99 4.81 -6.07
N PHE B 53 25.38 3.54 -5.97
CA PHE B 53 26.64 3.11 -6.55
C PHE B 53 26.39 2.32 -7.83
N LEU B 54 27.06 2.72 -8.92
CA LEU B 54 26.89 2.06 -10.19
C LEU B 54 28.28 1.79 -10.78
N GLY B 55 28.33 0.72 -11.58
CA GLY B 55 29.51 0.31 -12.34
C GLY B 55 29.50 0.94 -13.73
N PRO B 56 30.64 0.97 -14.43
CA PRO B 56 30.67 1.47 -15.81
C PRO B 56 29.64 1.03 -16.85
N LYS B 57 29.15 -0.22 -16.76
CA LYS B 57 28.23 -0.70 -17.78
C LYS B 57 26.95 0.12 -17.77
N ASP B 58 26.71 0.86 -16.67
CA ASP B 58 25.45 1.56 -16.49
C ASP B 58 25.66 3.07 -16.60
N LEU B 59 26.88 3.49 -17.02
CA LEU B 59 27.24 4.90 -17.04
C LEU B 59 27.57 5.34 -18.46
N PHE B 60 26.81 6.31 -18.98
CA PHE B 60 26.88 6.76 -20.36
C PHE B 60 27.32 8.22 -20.37
N PRO B 61 28.54 8.54 -20.86
CA PRO B 61 28.97 9.95 -20.90
C PRO B 61 27.93 10.91 -21.51
N TYR B 62 27.68 12.05 -20.82
CA TYR B 62 26.58 12.92 -21.15
C TYR B 62 26.63 13.48 -22.56
N ASP B 63 27.79 14.06 -22.96
CA ASP B 63 27.98 14.64 -24.28
C ASP B 63 27.67 13.66 -25.42
N LYS B 64 28.31 12.49 -25.38
CA LYS B 64 28.05 11.43 -26.35
C LYS B 64 26.57 11.07 -26.40
N SER B 65 25.87 11.08 -25.24
CA SER B 65 24.60 10.36 -25.19
C SER B 65 23.34 11.24 -25.07
N LYS B 66 23.48 12.57 -25.04
CA LYS B 66 22.35 13.42 -24.64
C LYS B 66 21.28 13.50 -25.73
N ASP B 67 21.70 13.37 -26.99
CA ASP B 67 20.79 13.35 -28.13
C ASP B 67 19.78 12.21 -27.98
N LYS B 68 20.30 11.04 -27.58
CA LYS B 68 19.56 9.82 -27.46
C LYS B 68 18.74 9.75 -26.18
N TYR B 69 19.31 10.13 -25.03
CA TYR B 69 18.71 9.90 -23.72
C TYR B 69 18.12 11.17 -23.11
N GLY B 70 18.48 12.33 -23.66
CA GLY B 70 18.17 13.60 -23.01
C GLY B 70 16.81 14.18 -23.41
N LYS B 71 15.83 13.31 -23.66
CA LYS B 71 14.51 13.77 -24.08
C LYS B 71 13.59 13.77 -22.86
N PRO B 72 12.72 14.80 -22.70
CA PRO B 72 11.75 14.78 -21.62
C PRO B 72 10.86 13.54 -21.64
N ASN B 73 10.42 13.15 -20.44
CA ASN B 73 9.41 12.13 -20.23
C ASN B 73 8.53 12.54 -19.04
N LYS B 74 7.66 11.60 -18.64
CA LYS B 74 6.66 11.84 -17.61
C LYS B 74 7.04 11.20 -16.27
N ARG B 75 8.30 10.74 -16.11
CA ARG B 75 8.78 10.27 -14.81
C ARG B 75 9.08 11.46 -13.88
N LYS B 76 8.60 11.33 -12.64
CA LYS B 76 8.77 12.31 -11.58
C LYS B 76 10.26 12.62 -11.34
N GLY B 77 10.62 13.89 -11.54
CA GLY B 77 11.97 14.39 -11.29
C GLY B 77 12.86 14.40 -12.54
N PHE B 78 12.42 13.74 -13.61
CA PHE B 78 13.22 13.66 -14.84
C PHE B 78 13.43 15.03 -15.53
N ASN B 79 12.36 15.80 -15.78
CA ASN B 79 12.54 17.07 -16.49
C ASN B 79 13.34 18.07 -15.64
N GLU B 80 13.19 18.01 -14.32
CA GLU B 80 13.93 18.87 -13.42
C GLU B 80 15.40 18.49 -13.52
N GLY B 81 15.64 17.17 -13.60
CA GLY B 81 16.97 16.58 -13.73
C GLY B 81 17.67 17.04 -15.01
N LEU B 82 16.89 17.10 -16.08
CA LEU B 82 17.37 17.61 -17.36
C LEU B 82 17.81 19.07 -17.16
N TRP B 83 16.99 19.82 -16.42
CA TRP B 83 17.22 21.24 -16.23
C TRP B 83 18.55 21.43 -15.51
N GLU B 84 18.76 20.62 -14.46
CA GLU B 84 19.90 20.74 -13.59
C GLU B 84 21.19 20.36 -14.33
N ILE B 85 21.19 19.28 -15.11
CA ILE B 85 22.43 18.83 -15.75
C ILE B 85 22.90 19.86 -16.78
N GLN B 86 21.92 20.56 -17.36
CA GLN B 86 22.10 21.62 -18.36
C GLN B 86 22.60 22.91 -17.71
N ASN B 87 21.97 23.31 -16.59
CA ASN B 87 22.13 24.69 -16.14
C ASN B 87 23.01 24.82 -14.89
N ASN B 88 23.09 23.80 -14.04
CA ASN B 88 23.91 23.91 -12.83
C ASN B 88 24.30 22.53 -12.32
N PRO B 89 25.05 21.76 -13.16
CA PRO B 89 25.40 20.38 -12.85
C PRO B 89 26.32 20.19 -11.64
N HIS B 90 27.02 21.29 -11.23
CA HIS B 90 28.02 21.13 -10.20
C HIS B 90 27.59 21.74 -8.85
N ALA B 91 26.32 22.16 -8.76
CA ALA B 91 25.80 22.75 -7.53
C ALA B 91 25.65 21.76 -6.39
N SER B 92 25.62 22.31 -5.16
CA SER B 92 25.18 21.61 -3.98
C SER B 92 23.66 21.52 -4.00
N TYR B 93 23.17 20.28 -3.98
CA TYR B 93 21.77 19.94 -3.87
C TYR B 93 21.50 19.40 -2.48
N SER B 94 22.45 19.68 -1.56
CA SER B 94 22.42 19.21 -0.18
C SER B 94 20.99 18.89 0.26
N HIS C 4 -9.87 -19.29 31.12
CA HIS C 4 -10.61 -18.00 31.13
C HIS C 4 -12.07 -18.26 31.48
N ALA C 5 -12.96 -17.41 30.97
CA ALA C 5 -14.40 -17.58 31.09
C ALA C 5 -15.08 -17.03 29.83
N PHE C 6 -16.19 -17.67 29.45
CA PHE C 6 -16.96 -17.21 28.32
C PHE C 6 -18.43 -17.35 28.67
N LYS C 7 -19.23 -16.38 28.22
CA LYS C 7 -20.69 -16.43 28.35
C LYS C 7 -21.26 -15.95 27.02
N PRO C 8 -22.56 -16.14 26.72
CA PRO C 8 -23.11 -15.71 25.44
C PRO C 8 -22.78 -14.24 25.16
N GLY C 9 -22.43 -13.94 23.90
CA GLY C 9 -22.20 -12.57 23.47
C GLY C 9 -20.72 -12.22 23.36
N ASP C 10 -19.86 -12.91 24.12
CA ASP C 10 -18.43 -12.69 24.11
C ASP C 10 -17.86 -12.88 22.70
N LEU C 11 -16.95 -11.97 22.32
CA LEU C 11 -16.32 -12.00 21.01
C LEU C 11 -14.97 -12.71 21.11
N VAL C 12 -14.67 -13.61 20.15
CA VAL C 12 -13.50 -14.46 20.22
C VAL C 12 -12.93 -14.64 18.80
N PHE C 13 -11.70 -15.18 18.76
CA PHE C 13 -11.24 -15.99 17.63
C PHE C 13 -11.36 -17.47 18.01
N ALA C 14 -11.91 -18.29 17.08
CA ALA C 14 -12.19 -19.68 17.38
C ALA C 14 -11.35 -20.55 16.43
N LYS C 15 -10.63 -21.53 17.00
CA LYS C 15 -9.73 -22.36 16.19
C LYS C 15 -10.30 -23.76 16.00
N MET C 16 -10.55 -24.16 14.74
CA MET C 16 -10.89 -25.54 14.39
C MET C 16 -9.78 -26.12 13.52
N LYS C 17 -9.61 -27.44 13.56
CA LYS C 17 -8.62 -28.07 12.70
C LYS C 17 -8.98 -27.79 11.23
N GLY C 18 -7.97 -27.29 10.49
CA GLY C 18 -8.09 -27.13 9.05
C GLY C 18 -8.55 -25.74 8.67
N TYR C 19 -8.66 -24.86 9.68
CA TYR C 19 -9.08 -23.47 9.46
C TYR C 19 -8.20 -22.54 10.28
N PRO C 20 -7.98 -21.28 9.79
CA PRO C 20 -7.26 -20.28 10.55
C PRO C 20 -8.12 -19.86 11.74
N HIS C 21 -7.47 -19.27 12.73
CA HIS C 21 -8.24 -18.69 13.84
C HIS C 21 -9.31 -17.75 13.29
N TRP C 22 -10.58 -17.95 13.69
CA TRP C 22 -11.67 -17.38 12.93
C TRP C 22 -12.47 -16.40 13.80
N PRO C 23 -12.83 -15.17 13.32
CA PRO C 23 -13.68 -14.29 14.14
C PRO C 23 -15.04 -14.90 14.47
N ALA C 24 -15.40 -14.88 15.77
CA ALA C 24 -16.57 -15.61 16.23
C ALA C 24 -17.14 -14.99 17.50
N ARG C 25 -18.32 -15.47 17.89
CA ARG C 25 -18.84 -15.17 19.22
C ARG C 25 -19.35 -16.45 19.92
N ILE C 26 -19.47 -16.36 21.24
CA ILE C 26 -20.13 -17.38 22.04
C ILE C 26 -21.64 -17.16 21.89
N ASP C 27 -22.36 -18.18 21.41
CA ASP C 27 -23.81 -18.14 21.36
C ASP C 27 -24.38 -18.56 22.71
N ASP C 28 -25.71 -18.52 22.80
CA ASP C 28 -26.43 -19.17 23.88
C ASP C 28 -27.01 -20.47 23.32
N ILE C 29 -27.60 -21.27 24.22
CA ILE C 29 -28.46 -22.37 23.87
C ILE C 29 -29.80 -22.10 24.57
N LYS C 35 -27.99 -30.33 23.98
CA LYS C 35 -26.93 -29.75 24.85
C LYS C 35 -25.57 -29.90 24.16
N PRO C 36 -24.61 -29.01 24.45
CA PRO C 36 -23.23 -29.18 24.00
C PRO C 36 -22.71 -30.56 24.42
N PRO C 37 -21.63 -31.05 23.78
CA PRO C 37 -20.87 -32.15 24.35
C PRO C 37 -20.35 -31.54 25.64
N PRO C 38 -19.98 -32.38 26.64
CA PRO C 38 -19.39 -31.85 27.87
C PRO C 38 -18.25 -30.87 27.64
N ASN C 39 -18.37 -29.70 28.29
CA ASN C 39 -17.34 -28.69 28.44
C ASN C 39 -17.11 -27.99 27.10
N LYS C 40 -18.13 -27.98 26.23
CA LYS C 40 -18.03 -27.27 24.96
C LYS C 40 -18.98 -26.08 24.93
N TYR C 41 -18.58 -25.04 24.18
CA TYR C 41 -19.37 -23.83 24.01
C TYR C 41 -19.98 -23.83 22.61
N PRO C 42 -21.21 -23.28 22.43
CA PRO C 42 -21.79 -23.07 21.10
C PRO C 42 -21.13 -21.82 20.52
N ILE C 43 -20.58 -21.99 19.30
CA ILE C 43 -19.85 -20.88 18.71
C ILE C 43 -20.62 -20.46 17.48
N PHE C 44 -20.65 -19.15 17.19
CA PHE C 44 -21.14 -18.72 15.88
C PHE C 44 -19.98 -18.01 15.18
N PHE C 45 -19.77 -18.38 13.91
CA PHE C 45 -18.64 -17.87 13.14
C PHE C 45 -19.10 -16.72 12.28
N PHE C 46 -18.44 -15.55 12.44
CA PHE C 46 -18.76 -14.46 11.54
C PHE C 46 -18.33 -14.78 10.10
N GLY C 47 -18.97 -14.09 9.14
CA GLY C 47 -18.58 -14.28 7.75
C GLY C 47 -19.32 -15.47 7.13
N THR C 48 -19.05 -16.69 7.62
CA THR C 48 -19.69 -17.88 7.10
C THR C 48 -21.06 -18.04 7.73
N HIS C 49 -21.22 -17.56 8.96
CA HIS C 49 -22.45 -17.62 9.73
C HIS C 49 -22.85 -19.06 10.08
N GLU C 50 -21.83 -19.93 10.21
CA GLU C 50 -22.01 -21.32 10.59
C GLU C 50 -21.85 -21.49 12.11
N THR C 51 -22.18 -22.68 12.63
CA THR C 51 -22.11 -22.94 14.06
C THR C 51 -21.33 -24.23 14.27
N ALA C 52 -20.65 -24.31 15.42
CA ALA C 52 -19.95 -25.50 15.88
C ALA C 52 -19.86 -25.45 17.40
N PHE C 53 -19.41 -26.57 18.00
CA PHE C 53 -19.17 -26.64 19.44
C PHE C 53 -17.67 -26.73 19.65
N LEU C 54 -17.13 -25.88 20.54
CA LEU C 54 -15.68 -25.89 20.75
C LEU C 54 -15.36 -25.76 22.24
N GLY C 55 -14.22 -26.31 22.65
CA GLY C 55 -13.77 -26.22 24.03
C GLY C 55 -12.89 -24.98 24.27
N PRO C 56 -12.58 -24.66 25.55
CA PRO C 56 -11.91 -23.41 25.88
C PRO C 56 -10.51 -23.26 25.29
N LYS C 57 -9.82 -24.39 25.07
CA LYS C 57 -8.48 -24.36 24.52
C LYS C 57 -8.50 -23.76 23.12
N ASP C 58 -9.70 -23.77 22.51
CA ASP C 58 -9.82 -23.43 21.09
C ASP C 58 -10.28 -21.99 20.91
N LEU C 59 -10.43 -21.25 22.02
CA LEU C 59 -11.05 -19.95 22.00
C LEU C 59 -10.08 -18.90 22.54
N PHE C 60 -10.10 -17.70 21.94
CA PHE C 60 -9.19 -16.62 22.30
C PHE C 60 -9.99 -15.33 22.37
N PRO C 61 -9.99 -14.56 23.50
CA PRO C 61 -10.83 -13.36 23.58
C PRO C 61 -10.41 -12.36 22.50
N TYR C 62 -11.41 -11.71 21.90
CA TYR C 62 -11.27 -10.89 20.70
C TYR C 62 -10.28 -9.76 20.97
N ASP C 63 -10.58 -8.94 21.99
CA ASP C 63 -9.78 -7.74 22.23
C ASP C 63 -8.32 -8.10 22.54
N LYS C 64 -8.10 -9.22 23.23
CA LYS C 64 -6.75 -9.58 23.64
C LYS C 64 -5.94 -10.10 22.45
N SER C 65 -6.62 -10.67 21.43
CA SER C 65 -5.86 -11.43 20.44
C SER C 65 -6.00 -10.90 19.01
N LYS C 66 -6.78 -9.83 18.81
CA LYS C 66 -6.96 -9.31 17.45
C LYS C 66 -5.66 -8.83 16.81
N ASP C 67 -4.73 -8.26 17.59
CA ASP C 67 -3.45 -7.82 17.04
C ASP C 67 -2.83 -8.97 16.24
N LYS C 68 -2.96 -10.20 16.74
CA LYS C 68 -2.36 -11.37 16.14
C LYS C 68 -3.27 -12.05 15.10
N TYR C 69 -4.57 -12.22 15.40
CA TYR C 69 -5.41 -13.02 14.52
C TYR C 69 -6.30 -12.16 13.61
N GLY C 70 -6.49 -10.88 13.95
CA GLY C 70 -7.43 -10.07 13.18
C GLY C 70 -6.69 -9.45 12.00
N LYS C 71 -6.40 -10.30 11.02
CA LYS C 71 -5.72 -9.87 9.81
C LYS C 71 -6.37 -10.62 8.65
N PRO C 72 -6.41 -10.02 7.44
CA PRO C 72 -7.12 -10.67 6.33
C PRO C 72 -6.52 -12.03 5.96
N ASN C 73 -7.38 -12.83 5.39
CA ASN C 73 -6.88 -13.94 4.60
C ASN C 73 -7.94 -14.33 3.60
N LYS C 74 -7.57 -15.25 2.72
CA LYS C 74 -8.32 -15.48 1.49
C LYS C 74 -9.40 -16.54 1.70
N ARG C 75 -9.42 -17.16 2.88
CA ARG C 75 -10.41 -18.21 3.10
C ARG C 75 -11.84 -17.68 2.98
N LYS C 76 -12.73 -18.53 2.45
CA LYS C 76 -14.11 -18.14 2.19
C LYS C 76 -14.78 -17.57 3.43
N GLY C 77 -15.17 -16.30 3.32
CA GLY C 77 -16.09 -15.67 4.26
C GLY C 77 -15.33 -14.95 5.39
N PHE C 78 -14.00 -15.04 5.36
CA PHE C 78 -13.16 -14.62 6.48
C PHE C 78 -13.16 -13.09 6.61
N ASN C 79 -12.96 -12.41 5.48
CA ASN C 79 -12.83 -10.96 5.55
C ASN C 79 -14.17 -10.29 5.85
N GLU C 80 -15.25 -10.87 5.32
CA GLU C 80 -16.57 -10.39 5.75
C GLU C 80 -16.71 -10.63 7.26
N GLY C 81 -16.21 -11.77 7.75
CA GLY C 81 -16.25 -12.01 9.19
C GLY C 81 -15.49 -10.96 10.00
N LEU C 82 -14.26 -10.59 9.54
CA LEU C 82 -13.51 -9.53 10.19
C LEU C 82 -14.33 -8.23 10.24
N TRP C 83 -15.05 -7.92 9.16
CA TRP C 83 -15.82 -6.69 9.16
C TRP C 83 -16.93 -6.77 10.22
N GLU C 84 -17.65 -7.92 10.26
CA GLU C 84 -18.73 -8.13 11.24
C GLU C 84 -18.27 -8.00 12.70
N ILE C 85 -17.14 -8.63 13.07
CA ILE C 85 -16.71 -8.66 14.47
C ILE C 85 -16.32 -7.27 14.98
N GLN C 86 -15.80 -6.43 14.08
CA GLN C 86 -15.38 -5.07 14.43
C GLN C 86 -16.54 -4.08 14.34
N ASN C 87 -17.47 -4.28 13.41
CA ASN C 87 -18.46 -3.24 13.12
C ASN C 87 -19.86 -3.59 13.60
N ASN C 88 -20.27 -4.87 13.47
CA ASN C 88 -21.66 -5.26 13.69
C ASN C 88 -21.73 -6.59 14.44
N PRO C 89 -20.99 -6.77 15.57
CA PRO C 89 -20.82 -8.08 16.20
C PRO C 89 -22.03 -8.73 16.87
N HIS C 90 -23.12 -7.97 17.05
CA HIS C 90 -24.27 -8.50 17.75
C HIS C 90 -25.55 -8.38 16.91
N ALA C 91 -25.41 -8.19 15.60
CA ALA C 91 -26.53 -8.32 14.68
C ALA C 91 -26.95 -9.78 14.54
N SER C 92 -28.13 -9.98 13.93
CA SER C 92 -28.81 -11.28 13.88
C SER C 92 -28.08 -12.25 12.95
N TYR C 93 -27.88 -11.84 11.69
CA TYR C 93 -27.34 -12.68 10.63
C TYR C 93 -28.22 -13.91 10.45
S SO4 D . -15.58 -10.39 -9.03
O1 SO4 D . -14.45 -10.96 -9.70
O2 SO4 D . -15.30 -9.06 -8.61
O3 SO4 D . -16.71 -10.38 -9.93
O4 SO4 D . -15.92 -11.22 -7.89
S SO4 E . -22.06 1.38 -11.79
O1 SO4 E . -21.43 2.24 -12.76
O2 SO4 E . -22.66 2.18 -10.75
O3 SO4 E . -23.06 0.57 -12.44
O4 SO4 E . -21.10 0.49 -11.20
C1 EDO F . 1.14 0.39 -1.70
O1 EDO F . 1.95 0.62 -0.57
C2 EDO F . 1.30 1.46 -2.74
O2 EDO F . 0.84 2.76 -2.38
S SO4 G . -12.42 -10.17 -0.14
O1 SO4 G . -11.20 -9.52 0.07
O2 SO4 G . -12.42 -10.85 -1.42
O3 SO4 G . -12.62 -11.13 0.92
O4 SO4 G . -13.50 -9.21 -0.16
S SO4 H . 9.51 17.00 -13.07
O1 SO4 H . 10.95 16.91 -12.94
O2 SO4 H . 9.12 16.85 -14.46
O3 SO4 H . 8.87 15.95 -12.29
O4 SO4 H . 9.11 18.28 -12.56
S SO4 I . 14.25 -1.79 -17.48
O1 SO4 I . 14.95 -1.90 -16.23
O2 SO4 I . 14.73 -2.82 -18.36
O3 SO4 I . 12.85 -1.95 -17.27
O4 SO4 I . 14.47 -0.50 -18.10
C4 A1A3V J . 16.49 5.57 -9.25
C5 A1A3V J . 17.45 6.50 -9.98
C6 A1A3V J . 16.72 7.39 -10.96
C7 A1A3V J . 15.59 8.17 -10.30
C8 A1A3V J . 14.65 7.27 -9.49
O A1A3V J . 13.18 6.78 -5.14
C1 A1A3V J . 13.06 5.45 -5.65
C A1A3V J . 11.62 4.99 -5.50
C2 A1A3V J . 13.44 5.58 -7.15
N A1A3V J . 14.89 5.65 -7.34
C3 A1A3V J . 15.42 6.37 -8.51
C1 EDO K . -14.98 -21.56 8.78
O1 EDO K . -15.47 -21.70 7.43
C2 EDO K . -15.94 -20.87 9.72
O2 EDO K . -17.27 -21.28 9.55
S SO4 L . -3.21 -26.96 12.60
O1 SO4 L . -1.95 -26.26 12.66
O2 SO4 L . -4.12 -26.22 11.78
O3 SO4 L . -3.01 -28.28 12.03
O4 SO4 L . -3.76 -27.09 13.93
#